data_3FKA
#
_entry.id   3FKA
#
_cell.length_a   52.424
_cell.length_b   92.002
_cell.length_c   120.072
_cell.angle_alpha   90.000
_cell.angle_beta   90.000
_cell.angle_gamma   90.000
#
_symmetry.space_group_name_H-M   'P 21 21 21'
#
loop_
_entity.id
_entity.type
_entity.pdbx_description
1 polymer 'uncharacterized NTF-2 like protein'
2 non-polymer 'UNKNOWN LIGAND'
3 non-polymer 'ACETATE ION'
4 non-polymer 1,2-ETHANEDIOL
5 water water
#
_entity_poly.entity_id   1
_entity_poly.type   'polypeptide(L)'
_entity_poly.pdbx_seq_one_letter_code
;G(MSE)TTSEHIAALTALVETYV(MSE)A(MSE)TRGDRPALERIFFGKASEVGHYEGELLWNSRDAFIA(MSE)CEDAA
DAETDPFWAISSVSVQGDIA(MSE)LHVENDWAG(MSE)RFDDFLTVLLHEGSWRIVSKVYRIR
;
_entity_poly.pdbx_strand_id   A,B,C,D
#
loop_
_chem_comp.id
_chem_comp.type
_chem_comp.name
_chem_comp.formula
ACT non-polymer 'ACETATE ION' 'C2 H3 O2 -1'
EDO non-polymer 1,2-ETHANEDIOL 'C2 H6 O2'
UNL non-polymer 'UNKNOWN LIGAND' ?
#
# COMPACT_ATOMS: atom_id res chain seq x y z
N MSE A 2 -19.29 4.28 -12.91
CA MSE A 2 -18.26 4.82 -11.97
CA MSE A 2 -18.29 4.96 -11.99
C MSE A 2 -16.82 5.01 -12.47
O MSE A 2 -16.21 4.02 -12.93
CB MSE A 2 -18.28 4.09 -10.60
CB MSE A 2 -18.31 4.43 -10.53
CG MSE A 2 -19.62 3.90 -9.91
CG MSE A 2 -19.56 4.74 -9.67
SE MSE A 2 -19.40 2.54 -8.50
SE MSE A 2 -19.29 4.61 -7.68
CE MSE A 2 -18.16 3.49 -7.33
CE MSE A 2 -18.66 2.76 -7.47
N THR A 3 -16.25 6.22 -12.38
CA THR A 3 -14.86 6.50 -12.78
C THR A 3 -13.88 6.05 -11.69
N THR A 4 -12.58 6.15 -11.98
CA THR A 4 -11.51 5.81 -11.01
C THR A 4 -11.63 6.65 -9.72
N SER A 5 -11.94 7.94 -9.88
CA SER A 5 -12.11 8.86 -8.77
C SER A 5 -13.35 8.46 -7.98
N GLU A 6 -14.44 8.17 -8.71
CA GLU A 6 -15.71 7.76 -8.09
C GLU A 6 -15.55 6.45 -7.28
N HIS A 7 -14.73 5.48 -7.74
CA HIS A 7 -14.52 4.26 -6.94
C HIS A 7 -13.78 4.56 -5.63
N ILE A 8 -12.78 5.45 -5.67
CA ILE A 8 -12.05 5.83 -4.44
C ILE A 8 -13.04 6.46 -3.45
N ALA A 9 -13.88 7.38 -3.93
CA ALA A 9 -14.92 8.03 -3.11
C ALA A 9 -15.91 7.01 -2.58
N ALA A 10 -16.27 6.04 -3.40
CA ALA A 10 -17.21 5.01 -2.98
C ALA A 10 -16.59 4.14 -1.89
N LEU A 11 -15.30 3.87 -2.00
CA LEU A 11 -14.58 3.07 -0.99
C LEU A 11 -14.44 3.87 0.30
N THR A 12 -14.19 5.18 0.21
CA THR A 12 -14.06 5.96 1.48
CA THR A 12 -14.10 6.07 1.36
C THR A 12 -15.45 6.06 2.11
N ALA A 13 -16.53 6.16 1.33
CA ALA A 13 -17.92 6.17 1.84
C ALA A 13 -18.20 4.84 2.54
N LEU A 14 -17.74 3.75 1.92
CA LEU A 14 -17.90 2.41 2.49
C LEU A 14 -17.27 2.33 3.89
N VAL A 15 -16.06 2.89 4.04
CA VAL A 15 -15.36 2.87 5.34
C VAL A 15 -16.18 3.64 6.40
N GLU A 16 -16.68 4.80 6.03
CA GLU A 16 -17.50 5.61 6.95
C GLU A 16 -18.75 4.83 7.37
N THR A 17 -19.40 4.20 6.41
CA THR A 17 -20.59 3.39 6.67
C THR A 17 -20.26 2.25 7.61
N TYR A 18 -19.15 1.58 7.34
CA TYR A 18 -18.67 0.49 8.16
C TYR A 18 -18.39 0.90 9.61
N VAL A 19 -17.59 1.93 9.79
CA VAL A 19 -17.23 2.37 11.15
CA VAL A 19 -17.23 2.37 11.15
C VAL A 19 -18.47 2.82 11.93
N MSE A 20 -19.36 3.56 11.29
CA MSE A 20 -20.57 4.03 11.98
CA MSE A 20 -20.57 4.04 11.95
C MSE A 20 -21.54 2.88 12.25
O MSE A 20 -22.11 2.82 13.34
CB MSE A 20 -21.30 5.15 11.23
CB MSE A 20 -21.26 5.10 11.08
CG MSE A 20 -20.48 6.42 11.08
CG MSE A 20 -22.49 5.75 11.67
SE MSE A 20 -19.69 7.02 12.76
SE MSE A 20 -22.22 6.69 13.36
CE MSE A 20 -21.32 7.14 13.83
CE MSE A 20 -20.91 7.99 12.75
N ALA A 21 -21.71 1.97 11.29
CA ALA A 21 -22.61 0.83 11.47
C ALA A 21 -22.10 -0.06 12.60
N MSE A 22 -20.79 -0.27 12.66
N MSE A 22 -20.78 -0.28 12.67
CA MSE A 22 -20.18 -1.06 13.73
CA MSE A 22 -20.17 -1.06 13.74
C MSE A 22 -20.46 -0.42 15.10
C MSE A 22 -20.44 -0.42 15.11
O MSE A 22 -20.93 -1.09 16.02
O MSE A 22 -20.92 -1.08 16.03
CB MSE A 22 -18.68 -1.21 13.51
CB MSE A 22 -18.64 -1.18 13.62
CG MSE A 22 -17.93 -1.75 14.74
CG MSE A 22 -18.11 -2.15 12.59
SE MSE A 22 -16.18 -2.33 14.32
SE MSE A 22 -16.18 -2.36 12.95
CE MSE A 22 -15.52 -0.76 13.39
CE MSE A 22 -16.24 -3.29 14.63
N THR A 23 -20.15 0.87 15.22
CA THR A 23 -20.35 1.62 16.45
C THR A 23 -21.82 1.59 16.93
N ARG A 24 -22.73 1.82 15.99
CA ARG A 24 -24.17 1.86 16.25
C ARG A 24 -24.89 0.50 16.31
N GLY A 25 -24.22 -0.60 15.93
CA GLY A 25 -24.83 -1.91 15.90
C GLY A 25 -25.93 -1.93 14.83
N ASP A 26 -25.64 -1.35 13.67
CA ASP A 26 -26.61 -1.25 12.58
C ASP A 26 -26.55 -2.51 11.71
N ARG A 27 -27.38 -3.50 12.03
CA ARG A 27 -27.38 -4.76 11.29
C ARG A 27 -27.72 -4.57 9.78
N PRO A 28 -28.79 -3.85 9.44
CA PRO A 28 -29.09 -3.66 8.01
C PRO A 28 -27.90 -3.14 7.21
N ALA A 29 -27.22 -2.10 7.71
CA ALA A 29 -26.04 -1.52 7.04
C ALA A 29 -24.89 -2.51 6.92
N LEU A 30 -24.59 -3.21 8.01
CA LEU A 30 -23.50 -4.19 7.98
C LEU A 30 -23.80 -5.34 7.03
N GLU A 31 -25.06 -5.77 6.94
CA GLU A 31 -25.43 -6.86 6.01
C GLU A 31 -25.35 -6.36 4.55
N ARG A 32 -25.62 -5.08 4.30
CA ARG A 32 -25.49 -4.56 2.93
C ARG A 32 -24.02 -4.45 2.51
N ILE A 33 -23.11 -4.07 3.41
CA ILE A 33 -21.70 -3.87 3.02
C ILE A 33 -20.73 -5.05 3.17
N PHE A 34 -21.15 -6.10 3.87
CA PHE A 34 -20.36 -7.34 4.03
C PHE A 34 -21.07 -8.49 3.31
N PHE A 35 -20.35 -9.24 2.48
CA PHE A 35 -20.93 -10.43 1.87
C PHE A 35 -21.34 -11.40 2.98
N GLY A 36 -22.32 -12.24 2.69
CA GLY A 36 -22.81 -13.20 3.64
C GLY A 36 -21.77 -14.15 4.19
N LYS A 37 -20.83 -14.56 3.33
CA LYS A 37 -19.76 -15.49 3.71
C LYS A 37 -18.47 -14.79 4.21
N ALA A 38 -18.50 -13.45 4.34
CA ALA A 38 -17.36 -12.72 4.81
C ALA A 38 -17.03 -13.13 6.26
N SER A 39 -15.76 -13.09 6.59
CA SER A 39 -15.29 -13.41 7.93
CA SER A 39 -15.32 -13.39 7.95
C SER A 39 -14.53 -12.22 8.52
N GLU A 40 -14.54 -12.13 9.84
CA GLU A 40 -13.82 -11.13 10.62
C GLU A 40 -12.92 -12.04 11.43
N VAL A 41 -11.61 -11.89 11.25
CA VAL A 41 -10.61 -12.75 11.86
C VAL A 41 -9.50 -12.00 12.56
N GLY A 42 -9.14 -12.44 13.75
CA GLY A 42 -8.06 -11.84 14.50
C GLY A 42 -7.91 -12.49 15.86
N HIS A 43 -6.94 -12.02 16.62
CA HIS A 43 -6.73 -12.54 17.97
C HIS A 43 -7.37 -11.64 19.00
N TYR A 44 -7.93 -12.27 20.03
CA TYR A 44 -8.53 -11.54 21.13
C TYR A 44 -8.18 -12.33 22.38
N GLU A 45 -7.41 -11.69 23.27
CA GLU A 45 -6.97 -12.31 24.51
C GLU A 45 -6.20 -13.60 24.23
N GLY A 46 -5.38 -13.57 23.17
CA GLY A 46 -4.59 -14.72 22.75
C GLY A 46 -5.32 -15.81 21.94
N GLU A 47 -6.66 -15.72 21.89
CA GLU A 47 -7.53 -16.66 21.19
CA GLU A 47 -7.50 -16.69 21.16
C GLU A 47 -7.80 -16.21 19.77
N LEU A 48 -7.84 -17.15 18.82
CA LEU A 48 -8.17 -16.85 17.45
C LEU A 48 -9.69 -16.75 17.42
N LEU A 49 -10.20 -15.60 17.02
CA LEU A 49 -11.64 -15.41 16.83
C LEU A 49 -11.90 -15.41 15.35
N TRP A 50 -12.70 -16.34 14.86
CA TRP A 50 -13.05 -16.42 13.46
C TRP A 50 -14.55 -16.25 13.40
N ASN A 51 -15.01 -15.02 13.19
CA ASN A 51 -16.42 -14.73 13.17
C ASN A 51 -17.06 -14.67 11.83
N SER A 52 -18.23 -15.28 11.73
CA SER A 52 -19.05 -15.21 10.54
C SER A 52 -19.61 -13.81 10.54
N ARG A 53 -20.25 -13.40 9.45
CA ARG A 53 -20.86 -12.04 9.42
C ARG A 53 -21.92 -11.94 10.52
N ASP A 54 -22.70 -12.98 10.73
CA ASP A 54 -23.74 -12.94 11.73
CA ASP A 54 -23.75 -12.99 11.77
C ASP A 54 -23.14 -12.74 13.13
N ALA A 55 -22.06 -13.48 13.41
CA ALA A 55 -21.36 -13.39 14.71
C ALA A 55 -20.76 -12.01 14.93
N PHE A 56 -20.09 -11.49 13.90
CA PHE A 56 -19.50 -10.14 13.92
C PHE A 56 -20.56 -9.08 14.19
N ILE A 57 -21.66 -9.17 13.45
CA ILE A 57 -22.75 -8.20 13.63
C ILE A 57 -23.37 -8.31 15.04
N ALA A 58 -23.56 -9.53 15.54
CA ALA A 58 -24.08 -9.77 16.89
C ALA A 58 -23.18 -9.06 17.94
N MSE A 59 -21.87 -9.13 17.76
CA MSE A 59 -20.93 -8.47 18.67
C MSE A 59 -21.07 -6.96 18.61
O MSE A 59 -20.98 -6.30 19.64
CB MSE A 59 -19.48 -8.90 18.42
CG MSE A 59 -19.26 -10.35 18.75
SE MSE A 59 -17.44 -10.86 18.34
CE MSE A 59 -16.49 -9.99 19.77
N CYS A 60 -21.30 -6.43 17.41
CA CYS A 60 -21.53 -4.99 17.23
C CYS A 60 -22.82 -4.58 17.93
N GLU A 61 -23.87 -5.39 17.79
CA GLU A 61 -25.14 -5.11 18.46
C GLU A 61 -24.99 -5.12 19.97
N ASP A 62 -24.25 -6.09 20.48
CA ASP A 62 -24.03 -6.22 21.93
C ASP A 62 -23.34 -5.01 22.53
N ALA A 63 -22.33 -4.50 21.82
CA ALA A 63 -21.53 -3.37 22.25
C ALA A 63 -21.99 -2.01 21.73
N ALA A 64 -23.12 -1.97 21.04
CA ALA A 64 -23.57 -0.74 20.39
C ALA A 64 -23.64 0.50 21.31
N ASP A 65 -23.27 1.63 20.72
CA ASP A 65 -23.26 2.92 21.37
C ASP A 65 -23.97 3.85 20.40
N ALA A 66 -25.13 4.37 20.80
CA ALA A 66 -25.95 5.27 19.96
C ALA A 66 -25.51 6.73 19.91
N GLU A 67 -24.63 7.14 20.81
CA GLU A 67 -24.23 8.53 20.92
C GLU A 67 -22.81 8.95 20.59
N THR A 68 -21.81 8.09 20.83
CA THR A 68 -20.42 8.47 20.63
CA THR A 68 -20.42 8.48 20.62
C THR A 68 -20.02 8.68 19.15
N ASP A 69 -19.08 9.60 18.94
CA ASP A 69 -18.51 9.91 17.65
C ASP A 69 -17.22 9.10 17.70
N PRO A 70 -17.15 7.98 17.00
CA PRO A 70 -15.96 7.14 17.09
C PRO A 70 -14.76 7.65 16.28
N PHE A 71 -13.55 7.37 16.78
CA PHE A 71 -12.33 7.74 16.09
C PHE A 71 -12.11 6.75 14.97
N TRP A 72 -11.73 7.25 13.80
CA TRP A 72 -11.36 6.36 12.71
C TRP A 72 -10.55 7.15 11.69
N ALA A 73 -9.77 6.42 10.90
CA ALA A 73 -8.96 7.01 9.84
C ALA A 73 -8.67 5.97 8.79
N ILE A 74 -8.57 6.40 7.54
CA ILE A 74 -8.20 5.54 6.44
C ILE A 74 -6.70 5.74 6.24
N SER A 75 -5.91 4.66 6.39
CA SER A 75 -4.45 4.72 6.21
C SER A 75 -4.08 4.42 4.74
N SER A 76 -4.83 3.52 4.09
CA SER A 76 -4.57 3.20 2.68
CA SER A 76 -4.58 3.21 2.69
C SER A 76 -5.78 2.61 1.99
N VAL A 77 -5.84 2.84 0.68
CA VAL A 77 -6.88 2.35 -0.21
CA VAL A 77 -6.88 2.33 -0.19
C VAL A 77 -6.15 1.98 -1.50
N SER A 78 -6.34 0.73 -1.96
CA SER A 78 -5.73 0.20 -3.19
C SER A 78 -6.81 -0.43 -4.03
N VAL A 79 -6.75 -0.26 -5.35
CA VAL A 79 -7.75 -0.77 -6.27
C VAL A 79 -7.10 -1.36 -7.52
N GLN A 80 -7.54 -2.56 -7.92
CA GLN A 80 -7.11 -3.20 -9.16
C GLN A 80 -8.42 -3.67 -9.78
N GLY A 81 -8.88 -2.99 -10.83
CA GLY A 81 -10.13 -3.37 -11.46
C GLY A 81 -11.28 -3.33 -10.48
N ASP A 82 -11.92 -4.48 -10.28
CA ASP A 82 -13.08 -4.58 -9.40
C ASP A 82 -12.75 -5.09 -8.00
N ILE A 83 -11.46 -5.09 -7.61
CA ILE A 83 -11.11 -5.49 -6.26
C ILE A 83 -10.37 -4.35 -5.55
N ALA A 84 -10.48 -4.31 -4.21
CA ALA A 84 -9.82 -3.30 -3.40
C ALA A 84 -9.32 -3.84 -2.07
N MSE A 85 -8.34 -3.14 -1.51
CA MSE A 85 -7.73 -3.40 -0.23
C MSE A 85 -7.78 -2.13 0.57
O MSE A 85 -7.48 -1.06 0.02
CB MSE A 85 -6.24 -3.72 -0.34
CG MSE A 85 -5.90 -4.94 -0.97
SE MSE A 85 -3.98 -5.24 -0.73
CE MSE A 85 -3.29 -4.04 -2.00
N LEU A 86 -8.11 -2.21 1.85
CA LEU A 86 -8.20 -1.03 2.69
C LEU A 86 -7.53 -1.27 4.02
N HIS A 87 -6.82 -0.26 4.50
CA HIS A 87 -6.24 -0.27 5.86
C HIS A 87 -6.98 0.86 6.55
N VAL A 88 -7.72 0.50 7.61
CA VAL A 88 -8.50 1.42 8.40
C VAL A 88 -8.12 1.29 9.88
N GLU A 89 -7.98 2.44 10.54
CA GLU A 89 -7.71 2.49 11.97
CA GLU A 89 -7.69 2.58 11.96
C GLU A 89 -9.02 2.89 12.62
N ASN A 90 -9.41 2.21 13.67
CA ASN A 90 -10.67 2.59 14.32
C ASN A 90 -10.73 2.14 15.76
N ASP A 91 -11.56 2.83 16.53
CA ASP A 91 -11.80 2.51 17.92
C ASP A 91 -13.11 1.75 18.01
N TRP A 92 -13.13 0.73 18.85
CA TRP A 92 -14.34 -0.05 19.09
C TRP A 92 -14.24 -0.63 20.48
N ALA A 93 -15.28 -0.43 21.28
CA ALA A 93 -15.37 -0.94 22.65
C ALA A 93 -14.14 -0.58 23.52
N GLY A 94 -13.61 0.63 23.32
CA GLY A 94 -12.46 1.13 24.07
C GLY A 94 -11.08 0.64 23.66
N MSE A 95 -10.99 -0.06 22.52
CA MSE A 95 -9.74 -0.60 21.99
C MSE A 95 -9.49 0.02 20.63
O MSE A 95 -10.45 0.40 19.97
CB MSE A 95 -9.85 -2.12 21.90
CG MSE A 95 -9.99 -2.81 23.24
SE MSE A 95 -10.42 -4.71 23.02
CE MSE A 95 -12.25 -4.54 22.35
N ARG A 96 -8.21 0.17 20.26
CA ARG A 96 -7.79 0.72 18.96
CA ARG A 96 -7.85 0.72 18.95
C ARG A 96 -7.40 -0.45 18.08
N PHE A 97 -7.94 -0.48 16.87
CA PHE A 97 -7.68 -1.55 15.92
C PHE A 97 -7.10 -1.10 14.61
N ASP A 98 -6.34 -2.00 13.98
CA ASP A 98 -5.88 -1.84 12.62
C ASP A 98 -6.71 -2.88 11.93
N ASP A 99 -7.51 -2.49 10.95
CA ASP A 99 -8.32 -3.40 10.16
C ASP A 99 -7.79 -3.44 8.74
N PHE A 100 -7.61 -4.65 8.19
CA PHE A 100 -7.25 -4.83 6.78
C PHE A 100 -8.48 -5.47 6.17
N LEU A 101 -9.05 -4.82 5.14
CA LEU A 101 -10.24 -5.30 4.47
CA LEU A 101 -10.26 -5.26 4.46
C LEU A 101 -10.04 -5.48 2.97
N THR A 102 -10.62 -6.55 2.41
CA THR A 102 -10.54 -6.80 0.96
C THR A 102 -12.02 -6.68 0.53
N VAL A 103 -12.22 -6.09 -0.64
CA VAL A 103 -13.52 -5.75 -1.13
C VAL A 103 -13.65 -6.06 -2.62
N LEU A 104 -14.87 -6.41 -3.04
CA LEU A 104 -15.18 -6.69 -4.44
C LEU A 104 -16.36 -5.83 -4.86
N LEU A 105 -16.24 -5.23 -6.05
CA LEU A 105 -17.28 -4.43 -6.66
C LEU A 105 -18.15 -5.43 -7.38
N HIS A 106 -19.38 -5.64 -6.90
CA HIS A 106 -20.31 -6.61 -7.49
C HIS A 106 -21.67 -6.01 -7.70
N GLU A 107 -22.16 -6.08 -8.93
CA GLU A 107 -23.44 -5.53 -9.30
C GLU A 107 -23.59 -4.09 -8.81
N GLY A 108 -22.56 -3.29 -9.08
CA GLY A 108 -22.56 -1.88 -8.71
C GLY A 108 -22.32 -1.47 -7.27
N SER A 109 -22.04 -2.43 -6.38
CA SER A 109 -21.79 -2.12 -4.96
C SER A 109 -20.50 -2.75 -4.48
N TRP A 110 -19.68 -1.98 -3.77
CA TRP A 110 -18.45 -2.50 -3.16
C TRP A 110 -18.88 -3.25 -1.90
N ARG A 111 -18.60 -4.56 -1.83
CA ARG A 111 -18.97 -5.36 -0.66
C ARG A 111 -17.73 -6.06 -0.12
N ILE A 112 -17.63 -6.08 1.20
CA ILE A 112 -16.46 -6.63 1.88
C ILE A 112 -16.43 -8.16 1.91
N VAL A 113 -15.28 -8.70 1.52
CA VAL A 113 -15.03 -10.15 1.45
C VAL A 113 -14.36 -10.69 2.70
N SER A 114 -13.37 -9.94 3.20
CA SER A 114 -12.61 -10.36 4.36
C SER A 114 -12.14 -9.18 5.16
N LYS A 115 -12.13 -9.37 6.48
CA LYS A 115 -11.67 -8.40 7.44
CA LYS A 115 -11.64 -8.39 7.42
C LYS A 115 -10.74 -9.13 8.40
N VAL A 116 -9.50 -8.67 8.53
CA VAL A 116 -8.57 -9.22 9.49
C VAL A 116 -8.22 -7.96 10.34
N TYR A 117 -8.00 -8.15 11.63
CA TYR A 117 -7.70 -7.06 12.51
C TYR A 117 -6.71 -7.43 13.59
N ARG A 118 -6.10 -6.41 14.17
CA ARG A 118 -5.25 -6.61 15.33
C ARG A 118 -5.59 -5.45 16.27
N ILE A 119 -5.51 -5.75 17.54
CA ILE A 119 -5.75 -4.79 18.60
C ILE A 119 -4.41 -4.25 19.06
N ARG A 120 -4.27 -2.93 19.01
CA ARG A 120 -3.03 -2.30 19.47
C ARG A 120 -2.93 -2.34 20.99
N GLY B 1 10.68 -9.75 20.52
CA GLY B 1 9.69 -10.05 19.44
C GLY B 1 10.37 -10.15 18.07
N MSE B 2 9.73 -10.85 17.12
CA MSE B 2 10.29 -11.02 15.79
CA MSE B 2 10.32 -10.98 15.78
C MSE B 2 10.09 -9.68 15.05
O MSE B 2 9.06 -9.03 15.22
CB MSE B 2 9.60 -12.19 15.08
CB MSE B 2 9.77 -12.11 14.92
CG MSE B 2 10.46 -13.02 14.15
CG MSE B 2 10.07 -13.47 15.43
SE MSE B 2 11.71 -14.25 15.11
SE MSE B 2 10.47 -14.56 13.88
CE MSE B 2 12.95 -13.09 16.07
CE MSE B 2 8.91 -14.29 12.77
N THR B 3 11.07 -9.28 14.23
CA THR B 3 11.00 -8.00 13.51
C THR B 3 10.09 -8.00 12.29
N THR B 4 9.70 -6.81 11.86
CA THR B 4 8.85 -6.67 10.67
C THR B 4 9.61 -7.18 9.43
N SER B 5 10.94 -7.02 9.39
CA SER B 5 11.74 -7.52 8.26
C SER B 5 11.67 -9.04 8.18
N GLU B 6 11.77 -9.70 9.34
CA GLU B 6 11.67 -11.15 9.43
C GLU B 6 10.28 -11.58 9.00
N HIS B 7 9.25 -10.87 9.44
CA HIS B 7 7.88 -11.20 9.02
C HIS B 7 7.70 -11.03 7.51
N ILE B 8 8.27 -9.96 6.94
CA ILE B 8 8.18 -9.74 5.48
C ILE B 8 8.88 -10.87 4.72
N ALA B 9 10.03 -11.34 5.22
CA ALA B 9 10.72 -12.47 4.61
C ALA B 9 9.82 -13.73 4.66
N ALA B 10 9.14 -13.94 5.79
CA ALA B 10 8.23 -15.10 5.93
C ALA B 10 7.04 -15.03 4.96
N LEU B 11 6.51 -13.83 4.79
CA LEU B 11 5.38 -13.57 3.90
C LEU B 11 5.82 -13.77 2.44
N THR B 12 7.05 -13.37 2.12
CA THR B 12 7.62 -13.54 0.78
C THR B 12 7.71 -15.04 0.48
N ALA B 13 8.18 -15.81 1.46
CA ALA B 13 8.26 -17.29 1.32
C ALA B 13 6.87 -17.88 1.16
N LEU B 14 5.91 -17.38 1.93
CA LEU B 14 4.52 -17.82 1.85
C LEU B 14 3.98 -17.61 0.44
N VAL B 15 4.25 -16.46 -0.16
CA VAL B 15 3.77 -16.17 -1.52
C VAL B 15 4.36 -17.17 -2.52
N GLU B 16 5.67 -17.43 -2.41
CA GLU B 16 6.31 -18.39 -3.28
C GLU B 16 5.69 -19.80 -3.12
N THR B 17 5.44 -20.20 -1.88
CA THR B 17 4.82 -21.48 -1.60
C THR B 17 3.42 -21.54 -2.22
N TYR B 18 2.67 -20.47 -2.03
CA TYR B 18 1.34 -20.34 -2.59
C TYR B 18 1.30 -20.48 -4.11
N VAL B 19 2.12 -19.70 -4.81
CA VAL B 19 2.13 -19.72 -6.28
CA VAL B 19 2.13 -19.72 -6.29
C VAL B 19 2.54 -21.10 -6.82
N MSE B 20 3.57 -21.68 -6.22
CA MSE B 20 4.03 -23.01 -6.66
CA MSE B 20 4.05 -23.00 -6.64
C MSE B 20 3.04 -24.10 -6.34
O MSE B 20 2.80 -24.97 -7.17
CB MSE B 20 5.39 -23.37 -6.06
CB MSE B 20 5.41 -23.28 -5.96
CG MSE B 20 6.55 -22.48 -6.46
CG MSE B 20 6.11 -24.59 -6.33
SE MSE B 20 6.65 -22.18 -8.37
SE MSE B 20 6.47 -24.78 -8.24
CE MSE B 20 6.56 -24.04 -8.93
CE MSE B 20 7.59 -23.22 -8.47
N ALA B 21 2.45 -24.08 -5.15
CA ALA B 21 1.47 -25.09 -4.76
C ALA B 21 0.24 -25.01 -5.66
N MSE B 22 -0.18 -23.79 -5.99
CA MSE B 22 -1.31 -23.60 -6.86
CA MSE B 22 -1.31 -23.60 -6.91
C MSE B 22 -0.99 -24.16 -8.27
O MSE B 22 -1.77 -24.94 -8.82
CB MSE B 22 -1.62 -22.13 -6.89
CB MSE B 22 -1.66 -22.13 -7.06
CG MSE B 22 -2.87 -21.72 -7.58
CG MSE B 22 -2.68 -21.84 -8.20
SE MSE B 22 -3.02 -19.82 -7.33
SE MSE B 22 -3.42 -20.05 -8.19
CE MSE B 22 -1.58 -19.20 -8.46
CE MSE B 22 -3.80 -20.04 -6.38
N THR B 23 0.18 -23.79 -8.80
CA THR B 23 0.62 -24.25 -10.12
C THR B 23 0.74 -25.77 -10.20
N ARG B 24 1.34 -26.37 -9.17
CA ARG B 24 1.56 -27.83 -9.12
C ARG B 24 0.37 -28.67 -8.67
N GLY B 25 -0.68 -28.03 -8.15
CA GLY B 25 -1.84 -28.75 -7.63
C GLY B 25 -1.44 -29.53 -6.38
N ASP B 26 -0.63 -28.92 -5.54
CA ASP B 26 -0.13 -29.56 -4.32
C ASP B 26 -1.15 -29.38 -3.21
N ARG B 27 -2.04 -30.35 -3.05
CA ARG B 27 -3.09 -30.30 -2.03
C ARG B 27 -2.53 -30.16 -0.58
N PRO B 28 -1.58 -31.03 -0.17
CA PRO B 28 -1.07 -30.86 1.20
C PRO B 28 -0.49 -29.47 1.48
N ALA B 29 0.22 -28.88 0.52
CA ALA B 29 0.81 -27.53 0.70
C ALA B 29 -0.28 -26.47 0.80
N LEU B 30 -1.28 -26.58 -0.06
CA LEU B 30 -2.40 -25.63 -0.05
C LEU B 30 -3.23 -25.73 1.23
N GLU B 31 -3.44 -26.94 1.74
CA GLU B 31 -4.18 -27.09 3.00
C GLU B 31 -3.36 -26.56 4.16
N ARG B 32 -2.04 -26.60 4.06
CA ARG B 32 -1.16 -26.08 5.10
CA ARG B 32 -1.17 -26.08 5.11
C ARG B 32 -1.18 -24.56 5.14
N ILE B 33 -1.05 -23.92 3.98
CA ILE B 33 -0.98 -22.44 3.90
C ILE B 33 -2.25 -21.60 3.93
N PHE B 34 -3.39 -22.27 3.70
CA PHE B 34 -4.71 -21.64 3.76
C PHE B 34 -5.47 -22.24 4.93
N PHE B 35 -6.10 -21.37 5.72
CA PHE B 35 -6.97 -21.80 6.80
C PHE B 35 -8.13 -22.62 6.23
N GLY B 36 -8.64 -23.54 7.03
CA GLY B 36 -9.77 -24.38 6.63
C GLY B 36 -10.96 -23.60 6.13
N LYS B 37 -11.26 -22.47 6.78
CA LYS B 37 -12.37 -21.60 6.43
C LYS B 37 -12.00 -20.46 5.48
N ALA B 38 -10.85 -20.54 4.81
CA ALA B 38 -10.42 -19.52 3.87
C ALA B 38 -11.33 -19.50 2.64
N SER B 39 -11.38 -18.33 2.01
CA SER B 39 -12.17 -18.13 0.81
C SER B 39 -11.32 -17.61 -0.35
N GLU B 40 -11.71 -17.95 -1.58
CA GLU B 40 -11.09 -17.43 -2.81
C GLU B 40 -12.29 -16.84 -3.54
N VAL B 41 -12.26 -15.52 -3.78
CA VAL B 41 -13.39 -14.80 -4.36
C VAL B 41 -13.03 -13.86 -5.49
N GLY B 42 -13.84 -13.86 -6.53
CA GLY B 42 -13.63 -12.93 -7.64
C GLY B 42 -14.66 -13.19 -8.69
N HIS B 43 -14.58 -12.41 -9.77
CA HIS B 43 -15.46 -12.59 -10.92
C HIS B 43 -14.71 -13.49 -11.90
N TYR B 44 -15.42 -14.50 -12.39
CA TYR B 44 -14.85 -15.45 -13.32
C TYR B 44 -15.95 -15.75 -14.32
N GLU B 45 -15.66 -15.49 -15.60
CA GLU B 45 -16.60 -15.70 -16.70
C GLU B 45 -17.87 -14.88 -16.44
N GLY B 46 -17.69 -13.63 -16.00
CA GLY B 46 -18.80 -12.72 -15.72
C GLY B 46 -19.62 -12.94 -14.44
N GLU B 47 -19.33 -13.97 -13.66
CA GLU B 47 -20.10 -14.22 -12.44
C GLU B 47 -19.26 -14.28 -11.18
N LEU B 48 -19.94 -14.04 -10.06
CA LEU B 48 -19.32 -14.09 -8.75
C LEU B 48 -19.04 -15.54 -8.43
N LEU B 49 -17.78 -15.84 -8.14
CA LEU B 49 -17.38 -17.19 -7.77
C LEU B 49 -16.80 -17.09 -6.38
N TRP B 50 -17.48 -17.71 -5.40
CA TRP B 50 -17.00 -17.72 -4.02
C TRP B 50 -16.59 -19.15 -3.74
N ASN B 51 -15.29 -19.39 -3.70
CA ASN B 51 -14.76 -20.74 -3.46
C ASN B 51 -14.25 -21.03 -2.08
N SER B 52 -14.66 -22.17 -1.51
CA SER B 52 -14.15 -22.65 -0.25
C SER B 52 -12.74 -23.17 -0.52
N ARG B 53 -11.99 -23.52 0.53
CA ARG B 53 -10.68 -24.11 0.33
C ARG B 53 -10.80 -25.44 -0.43
N ASP B 54 -11.78 -26.28 -0.10
CA ASP B 54 -11.96 -27.53 -0.83
C ASP B 54 -12.20 -27.28 -2.31
N ALA B 55 -13.03 -26.29 -2.63
CA ALA B 55 -13.34 -25.97 -4.02
C ALA B 55 -12.14 -25.46 -4.77
N PHE B 56 -11.41 -24.49 -4.22
CA PHE B 56 -10.29 -24.00 -5.02
C PHE B 56 -9.11 -24.99 -5.07
N ILE B 57 -8.90 -25.82 -4.05
CA ILE B 57 -7.83 -26.83 -4.15
C ILE B 57 -8.17 -27.84 -5.29
N ALA B 58 -9.43 -28.23 -5.40
CA ALA B 58 -9.87 -29.10 -6.49
C ALA B 58 -9.62 -28.39 -7.84
N MSE B 59 -9.81 -27.07 -7.89
CA MSE B 59 -9.55 -26.30 -9.12
C MSE B 59 -8.06 -26.29 -9.43
O MSE B 59 -7.69 -26.35 -10.62
CB MSE B 59 -10.16 -24.89 -9.02
CG MSE B 59 -11.68 -24.97 -8.99
SE MSE B 59 -12.40 -23.26 -8.46
CE MSE B 59 -14.29 -23.75 -8.47
N CYS B 60 -7.19 -26.19 -8.40
CA CYS B 60 -5.74 -26.24 -8.58
C CYS B 60 -5.34 -27.62 -9.08
N GLU B 61 -5.93 -28.67 -8.51
CA GLU B 61 -5.63 -30.01 -8.99
C GLU B 61 -5.99 -30.12 -10.49
N ASP B 62 -7.19 -29.63 -10.86
CA ASP B 62 -7.67 -29.70 -12.22
C ASP B 62 -6.72 -29.13 -13.26
N ALA B 63 -6.13 -27.99 -12.92
CA ALA B 63 -5.25 -27.27 -13.82
C ALA B 63 -3.78 -27.49 -13.57
N ALA B 64 -3.43 -28.46 -12.70
CA ALA B 64 -2.02 -28.70 -12.34
C ALA B 64 -1.07 -28.92 -13.50
N ASP B 65 0.15 -28.39 -13.32
CA ASP B 65 1.22 -28.47 -14.30
C ASP B 65 2.47 -28.82 -13.52
N ALA B 66 3.07 -29.96 -13.83
CA ALA B 66 4.26 -30.43 -13.12
C ALA B 66 5.57 -29.71 -13.39
N GLU B 67 5.68 -29.02 -14.52
CA GLU B 67 6.95 -28.41 -14.90
C GLU B 67 7.00 -26.91 -15.21
N THR B 68 5.88 -26.26 -15.47
CA THR B 68 5.90 -24.83 -15.78
CA THR B 68 5.93 -24.84 -15.80
C THR B 68 6.45 -23.98 -14.63
N ASP B 69 7.27 -22.99 -14.98
CA ASP B 69 7.85 -22.09 -14.00
CA ASP B 69 7.86 -22.07 -14.03
C ASP B 69 6.92 -20.89 -14.09
N PRO B 70 6.06 -20.73 -13.07
CA PRO B 70 5.10 -19.63 -13.19
C PRO B 70 5.62 -18.24 -12.89
N PHE B 71 5.10 -17.25 -13.62
CA PHE B 71 5.43 -15.87 -13.39
C PHE B 71 4.68 -15.39 -12.16
N TRP B 72 5.35 -14.64 -11.28
CA TRP B 72 4.69 -14.01 -10.15
C TRP B 72 5.56 -12.87 -9.62
N ALA B 73 4.90 -11.92 -8.96
CA ALA B 73 5.59 -10.76 -8.38
C ALA B 73 4.81 -10.26 -7.19
N ILE B 74 5.51 -9.74 -6.19
CA ILE B 74 4.88 -9.14 -5.02
C ILE B 74 4.85 -7.65 -5.32
N SER B 75 3.65 -7.12 -5.55
CA SER B 75 3.46 -5.71 -5.84
C SER B 75 3.36 -4.91 -4.55
N SER B 76 2.80 -5.49 -3.49
CA SER B 76 2.81 -4.81 -2.20
C SER B 76 2.61 -5.78 -1.05
N VAL B 77 3.13 -5.38 0.10
CA VAL B 77 3.04 -6.11 1.36
CA VAL B 77 2.99 -6.11 1.34
C VAL B 77 2.84 -5.08 2.44
N SER B 78 1.80 -5.24 3.28
CA SER B 78 1.51 -4.34 4.39
C SER B 78 1.40 -5.21 5.63
N VAL B 79 1.99 -4.78 6.75
CA VAL B 79 1.98 -5.57 7.98
C VAL B 79 1.66 -4.69 9.17
N GLN B 80 0.75 -5.15 10.03
CA GLN B 80 0.42 -4.45 11.30
C GLN B 80 0.36 -5.53 12.36
N GLY B 81 1.35 -5.60 13.25
CA GLY B 81 1.36 -6.66 14.26
C GLY B 81 1.28 -8.06 13.64
N ASP B 82 0.22 -8.80 13.96
CA ASP B 82 0.04 -10.17 13.48
C ASP B 82 -0.86 -10.31 12.23
N ILE B 83 -1.16 -9.19 11.55
CA ILE B 83 -1.95 -9.20 10.32
C ILE B 83 -1.15 -8.64 9.15
N ALA B 84 -1.42 -9.17 7.96
CA ALA B 84 -0.76 -8.71 6.74
C ALA B 84 -1.72 -8.76 5.58
N MSE B 85 -1.44 -7.92 4.59
CA MSE B 85 -2.25 -7.91 3.36
CA MSE B 85 -2.24 -7.90 3.39
C MSE B 85 -1.24 -7.73 2.25
O MSE B 85 -0.35 -6.88 2.34
CB MSE B 85 -3.44 -6.92 3.34
CB MSE B 85 -3.27 -6.80 3.50
CG MSE B 85 -3.11 -5.46 3.48
CG MSE B 85 -4.29 -6.86 2.43
SE MSE B 85 -4.72 -4.32 3.24
SE MSE B 85 -5.68 -5.55 2.76
CE MSE B 85 -3.81 -2.64 3.43
CE MSE B 85 -4.61 -3.94 3.09
N LEU B 86 -1.38 -8.56 1.22
CA LEU B 86 -0.45 -8.62 0.10
CA LEU B 86 -0.46 -8.62 0.11
C LEU B 86 -1.12 -8.50 -1.24
N HIS B 87 -0.44 -7.83 -2.18
CA HIS B 87 -0.90 -7.71 -3.56
C HIS B 87 0.13 -8.52 -4.35
N VAL B 88 -0.31 -9.62 -4.97
CA VAL B 88 0.52 -10.48 -5.74
C VAL B 88 0.02 -10.57 -7.18
N GLU B 89 0.93 -10.46 -8.14
CA GLU B 89 0.64 -10.62 -9.55
CA GLU B 89 0.60 -10.62 -9.54
C GLU B 89 1.03 -12.03 -9.88
N ASN B 90 0.20 -12.77 -10.62
CA ASN B 90 0.61 -14.14 -10.96
C ASN B 90 -0.13 -14.67 -12.16
N ASP B 91 0.49 -15.64 -12.83
CA ASP B 91 -0.11 -16.30 -13.95
C ASP B 91 -0.63 -17.64 -13.47
N TRP B 92 -1.78 -18.03 -13.97
CA TRP B 92 -2.37 -19.32 -13.66
C TRP B 92 -3.32 -19.69 -14.79
N ALA B 93 -3.17 -20.92 -15.30
CA ALA B 93 -4.05 -21.42 -16.36
C ALA B 93 -4.19 -20.50 -17.57
N GLY B 94 -3.10 -19.86 -17.96
CA GLY B 94 -3.06 -18.97 -19.12
C GLY B 94 -3.64 -17.58 -18.96
N MSE B 95 -3.93 -17.19 -17.72
CA MSE B 95 -4.50 -15.88 -17.40
C MSE B 95 -3.63 -15.18 -16.36
O MSE B 95 -3.00 -15.85 -15.55
CB MSE B 95 -5.90 -16.07 -16.84
CG MSE B 95 -6.92 -16.67 -17.81
SE MSE B 95 -8.53 -17.25 -16.90
CE MSE B 95 -7.82 -18.70 -15.82
N ARG B 96 -3.62 -13.84 -16.39
CA ARG B 96 -2.88 -13.00 -15.44
C ARG B 96 -3.84 -12.49 -14.39
N PHE B 97 -3.47 -12.64 -13.13
CA PHE B 97 -4.30 -12.21 -12.03
C PHE B 97 -3.62 -11.22 -11.10
N ASP B 98 -4.44 -10.40 -10.42
CA ASP B 98 -4.04 -9.56 -9.34
C ASP B 98 -4.76 -10.23 -8.18
N ASP B 99 -4.03 -10.66 -7.18
CA ASP B 99 -4.55 -11.26 -5.97
C ASP B 99 -4.32 -10.35 -4.78
N PHE B 100 -5.35 -10.15 -3.95
CA PHE B 100 -5.26 -9.40 -2.71
C PHE B 100 -5.49 -10.46 -1.63
N LEU B 101 -4.46 -10.73 -0.84
CA LEU B 101 -4.49 -11.74 0.22
CA LEU B 101 -4.55 -11.74 0.22
C LEU B 101 -4.51 -11.12 1.61
N THR B 102 -5.30 -11.67 2.54
CA THR B 102 -5.32 -11.23 3.94
C THR B 102 -4.64 -12.43 4.62
N VAL B 103 -3.74 -12.15 5.56
CA VAL B 103 -2.93 -13.21 6.19
C VAL B 103 -2.84 -12.93 7.68
N LEU B 104 -2.78 -14.00 8.47
CA LEU B 104 -2.70 -13.90 9.92
C LEU B 104 -1.52 -14.71 10.43
N LEU B 105 -0.76 -14.13 11.35
CA LEU B 105 0.34 -14.81 12.00
C LEU B 105 -0.34 -15.55 13.14
N HIS B 106 -0.36 -16.88 13.08
CA HIS B 106 -1.06 -17.67 14.08
C HIS B 106 -0.22 -18.88 14.45
N GLU B 107 -0.04 -19.08 15.75
CA GLU B 107 0.77 -20.20 16.26
C GLU B 107 2.19 -20.22 15.63
N GLY B 108 2.79 -19.05 15.47
CA GLY B 108 4.16 -18.95 14.95
C GLY B 108 4.36 -18.92 13.44
N SER B 109 3.29 -18.98 12.67
CA SER B 109 3.45 -18.94 11.22
C SER B 109 2.30 -18.17 10.51
N TRP B 110 2.64 -17.55 9.40
CA TRP B 110 1.70 -16.78 8.57
C TRP B 110 0.86 -17.74 7.77
N ARG B 111 -0.47 -17.55 7.77
CA ARG B 111 -1.39 -18.46 7.08
C ARG B 111 -2.47 -17.59 6.44
N ILE B 112 -2.86 -17.97 5.23
CA ILE B 112 -3.80 -17.17 4.44
C ILE B 112 -5.25 -17.30 4.87
N VAL B 113 -5.88 -16.17 5.11
CA VAL B 113 -7.26 -16.07 5.54
C VAL B 113 -8.21 -15.97 4.35
N SER B 114 -7.83 -15.18 3.35
CA SER B 114 -8.67 -14.99 2.19
C SER B 114 -7.87 -14.46 1.03
N LYS B 115 -8.41 -14.71 -0.15
CA LYS B 115 -7.82 -14.23 -1.39
CA LYS B 115 -7.83 -14.27 -1.41
C LYS B 115 -8.93 -13.69 -2.29
N VAL B 116 -8.80 -12.42 -2.72
CA VAL B 116 -9.74 -11.84 -3.70
CA VAL B 116 -9.73 -11.81 -3.65
C VAL B 116 -8.86 -11.63 -4.91
N TYR B 117 -9.44 -11.79 -6.10
CA TYR B 117 -8.69 -11.65 -7.31
C TYR B 117 -9.49 -11.02 -8.43
N ARG B 118 -8.77 -10.52 -9.42
CA ARG B 118 -9.40 -10.04 -10.64
C ARG B 118 -8.50 -10.53 -11.77
N ILE B 119 -9.10 -10.87 -12.89
CA ILE B 119 -8.37 -11.33 -14.06
C ILE B 119 -8.14 -10.11 -14.94
N ARG B 120 -6.90 -9.91 -15.38
CA ARG B 120 -6.60 -8.79 -16.27
C ARG B 120 -7.01 -9.11 -17.69
N MSE C 2 18.17 -9.89 -9.89
CA MSE C 2 17.53 -10.48 -8.67
C MSE C 2 16.10 -10.96 -8.93
O MSE C 2 15.39 -10.44 -9.80
CB MSE C 2 17.51 -9.46 -7.51
CG MSE C 2 18.86 -9.12 -6.85
SE MSE C 2 18.67 -7.88 -5.30
CE MSE C 2 18.17 -6.21 -6.21
N THR C 3 15.67 -11.96 -8.14
CA THR C 3 14.31 -12.50 -8.21
C THR C 3 13.38 -11.60 -7.41
N THR C 4 12.07 -11.82 -7.55
CA THR C 4 11.09 -11.00 -6.83
C THR C 4 11.32 -11.04 -5.32
N SER C 5 11.63 -12.22 -4.76
CA SER C 5 11.89 -12.37 -3.32
C SER C 5 13.14 -11.59 -2.89
N GLU C 6 14.18 -11.69 -3.72
CA GLU C 6 15.44 -10.99 -3.46
C GLU C 6 15.26 -9.49 -3.48
N HIS C 7 14.40 -8.96 -4.37
CA HIS C 7 14.15 -7.51 -4.40
C HIS C 7 13.48 -7.04 -3.11
N ILE C 8 12.50 -7.80 -2.62
CA ILE C 8 11.80 -7.46 -1.38
C ILE C 8 12.83 -7.47 -0.23
N ALA C 9 13.66 -8.52 -0.20
CA ALA C 9 14.74 -8.64 0.80
C ALA C 9 15.71 -7.45 0.74
N ALA C 10 16.10 -7.07 -0.48
CA ALA C 10 17.02 -5.94 -0.65
C ALA C 10 16.43 -4.63 -0.11
N LEU C 11 15.12 -4.44 -0.30
CA LEU C 11 14.42 -3.25 0.18
C LEU C 11 14.32 -3.26 1.72
N THR C 12 14.02 -4.39 2.36
CA THR C 12 13.94 -4.40 3.83
C THR C 12 15.35 -4.22 4.43
N ALA C 13 16.36 -4.78 3.76
CA ALA C 13 17.77 -4.60 4.17
C ALA C 13 18.14 -3.11 4.08
N LEU C 14 17.67 -2.43 3.03
CA LEU C 14 17.89 -1.00 2.83
C LEU C 14 17.33 -0.20 4.03
N VAL C 15 16.14 -0.55 4.49
CA VAL C 15 15.52 0.11 5.65
C VAL C 15 16.40 -0.08 6.90
N GLU C 16 16.85 -1.31 7.14
CA GLU C 16 17.73 -1.61 8.27
C GLU C 16 19.00 -0.76 8.21
N THR C 17 19.59 -0.67 7.01
CA THR C 17 20.80 0.12 6.82
C THR C 17 20.58 1.61 7.08
N TYR C 18 19.47 2.15 6.57
CA TYR C 18 19.11 3.53 6.76
CA TYR C 18 19.25 3.61 6.77
C TYR C 18 18.90 3.92 8.23
N VAL C 19 18.07 3.13 8.92
CA VAL C 19 17.76 3.43 10.33
CA VAL C 19 17.75 3.38 10.34
C VAL C 19 19.01 3.36 11.20
N MSE C 20 19.84 2.34 11.03
CA MSE C 20 21.08 2.20 11.81
CA MSE C 20 21.09 2.23 11.79
C MSE C 20 22.06 3.34 11.45
O MSE C 20 22.67 3.93 12.35
CB MSE C 20 21.71 0.83 11.59
CB MSE C 20 21.78 0.88 11.55
CG MSE C 20 23.00 0.57 12.37
CG MSE C 20 21.00 -0.31 12.02
SE MSE C 20 22.76 0.70 14.30
SE MSE C 20 20.51 -0.17 13.87
CE MSE C 20 21.63 -0.87 14.56
CE MSE C 20 22.29 -0.08 14.66
N ALA C 21 22.23 3.61 10.15
CA ALA C 21 23.13 4.66 9.66
C ALA C 21 22.74 6.03 10.22
N MSE C 22 21.44 6.32 10.30
N MSE C 22 21.43 6.28 10.32
CA MSE C 22 20.98 7.58 10.88
CA MSE C 22 20.89 7.52 10.87
C MSE C 22 21.33 7.67 12.36
C MSE C 22 21.25 7.67 12.35
O MSE C 22 21.89 8.67 12.81
O MSE C 22 21.73 8.72 12.77
CB MSE C 22 19.48 7.75 10.76
CB MSE C 22 19.37 7.55 10.66
CG MSE C 22 18.98 8.03 9.39
CG MSE C 22 18.68 8.82 11.13
SE MSE C 22 17.06 8.19 9.52
SE MSE C 22 16.81 8.94 10.68
CE MSE C 22 16.96 9.86 10.53
CE MSE C 22 16.91 8.63 8.77
N THR C 23 21.01 6.61 13.11
CA THR C 23 21.29 6.57 14.55
C THR C 23 22.76 6.75 14.88
N ARG C 24 23.62 6.08 14.10
CA ARG C 24 25.08 6.11 14.26
C ARG C 24 25.78 7.28 13.57
N GLY C 25 25.08 8.01 12.70
CA GLY C 25 25.69 9.13 11.96
C GLY C 25 26.76 8.61 11.01
N ASP C 26 26.43 7.51 10.32
CA ASP C 26 27.33 6.83 9.37
C ASP C 26 27.15 7.47 7.99
N ARG C 27 27.98 8.47 7.70
CA ARG C 27 27.92 9.18 6.40
C ARG C 27 28.17 8.25 5.18
N PRO C 28 29.24 7.42 5.18
CA PRO C 28 29.45 6.49 4.06
C PRO C 28 28.24 5.63 3.71
N ALA C 29 27.60 5.04 4.73
CA ALA C 29 26.39 4.22 4.54
C ALA C 29 25.27 5.05 3.95
N LEU C 30 25.02 6.22 4.51
CA LEU C 30 23.95 7.11 4.01
C LEU C 30 24.21 7.58 2.58
N GLU C 31 25.46 7.86 2.25
CA GLU C 31 25.82 8.27 0.88
C GLU C 31 25.66 7.11 -0.11
N ARG C 32 25.83 5.87 0.35
CA ARG C 32 25.63 4.71 -0.54
CA ARG C 32 25.65 4.71 -0.52
C ARG C 32 24.16 4.46 -0.82
N ILE C 33 23.32 4.54 0.20
CA ILE C 33 21.89 4.24 0.06
C ILE C 33 20.96 5.36 -0.45
N PHE C 34 21.39 6.61 -0.35
CA PHE C 34 20.63 7.75 -0.86
C PHE C 34 21.34 8.35 -2.06
N PHE C 35 20.58 8.69 -3.10
CA PHE C 35 21.18 9.41 -4.23
C PHE C 35 21.64 10.76 -3.74
N GLY C 36 22.68 11.30 -4.36
CA GLY C 36 23.18 12.61 -3.95
C GLY C 36 22.15 13.72 -4.08
N LYS C 37 21.29 13.61 -5.10
CA LYS C 37 20.23 14.59 -5.34
C LYS C 37 18.94 14.30 -4.56
N ALA C 38 18.96 13.28 -3.68
CA ALA C 38 17.79 12.94 -2.88
C ALA C 38 17.48 14.06 -1.90
N SER C 39 16.21 14.12 -1.52
CA SER C 39 15.76 15.12 -0.55
CA SER C 39 15.68 15.12 -0.60
C SER C 39 15.02 14.45 0.60
N GLU C 40 15.08 15.11 1.77
CA GLU C 40 14.41 14.66 2.99
C GLU C 40 13.51 15.85 3.27
N VAL C 41 12.19 15.64 3.26
CA VAL C 41 11.23 16.73 3.40
C VAL C 41 10.15 16.45 4.44
N GLY C 42 9.84 17.44 5.27
CA GLY C 42 8.78 17.29 6.29
C GLY C 42 8.62 18.55 7.11
N HIS C 43 7.56 18.60 7.93
CA HIS C 43 7.34 19.73 8.83
C HIS C 43 8.05 19.39 10.13
N TYR C 44 8.79 20.37 10.64
CA TYR C 44 9.54 20.21 11.86
C TYR C 44 9.35 21.49 12.62
N GLU C 45 8.77 21.38 13.81
CA GLU C 45 8.43 22.50 14.71
C GLU C 45 7.76 23.68 13.95
N GLY C 46 6.69 23.31 13.23
CA GLY C 46 5.86 24.21 12.47
C GLY C 46 6.30 24.73 11.11
N GLU C 47 7.51 24.38 10.68
CA GLU C 47 8.04 24.88 9.42
C GLU C 47 8.40 23.74 8.50
N LEU C 48 8.41 24.04 7.21
CA LEU C 48 8.77 23.07 6.20
C LEU C 48 10.29 23.00 6.16
N LEU C 49 10.83 21.80 6.31
CA LEU C 49 12.28 21.59 6.23
C LEU C 49 12.51 20.74 4.98
N TRP C 50 13.28 21.28 4.03
CA TRP C 50 13.61 20.61 2.80
C TRP C 50 15.13 20.46 2.77
N ASN C 51 15.62 19.28 3.15
CA ASN C 51 17.04 18.99 3.21
C ASN C 51 17.62 18.26 2.03
N SER C 52 18.85 18.61 1.66
CA SER C 52 19.55 17.89 0.65
C SER C 52 20.06 16.64 1.37
N ARG C 53 20.56 15.65 0.64
CA ARG C 53 21.12 14.47 1.30
C ARG C 53 22.21 14.89 2.28
N ASP C 54 23.11 15.79 1.85
CA ASP C 54 24.19 16.26 2.71
C ASP C 54 23.70 16.92 4.01
N ALA C 55 22.68 17.77 3.89
CA ALA C 55 22.08 18.45 5.04
C ALA C 55 21.44 17.44 5.99
N PHE C 56 20.78 16.43 5.41
CA PHE C 56 20.17 15.35 6.19
C PHE C 56 21.26 14.55 6.93
N ILE C 57 22.31 14.15 6.22
CA ILE C 57 23.43 13.40 6.83
C ILE C 57 24.06 14.22 7.95
N ALA C 58 24.28 15.52 7.70
CA ALA C 58 24.86 16.42 8.71
C ALA C 58 24.06 16.41 10.03
N MSE C 59 22.73 16.45 9.94
CA MSE C 59 21.86 16.41 11.14
C MSE C 59 21.98 15.05 11.87
O MSE C 59 21.91 15.00 13.10
CB MSE C 59 20.40 16.70 10.80
CG MSE C 59 20.18 18.11 10.29
SE MSE C 59 18.31 18.53 9.90
CE MSE C 59 17.60 18.59 11.74
N CYS C 60 22.16 13.97 11.11
CA CYS C 60 22.33 12.63 11.71
C CYS C 60 23.64 12.60 12.49
N GLU C 61 24.70 13.14 11.89
CA GLU C 61 26.01 13.23 12.51
C GLU C 61 25.93 14.05 13.79
N ASP C 62 25.24 15.19 13.74
CA ASP C 62 25.07 16.07 14.90
C ASP C 62 24.35 15.38 16.06
N ALA C 63 23.34 14.56 15.76
CA ALA C 63 22.56 13.82 16.77
C ALA C 63 23.04 12.37 17.01
N ALA C 64 24.13 11.96 16.35
CA ALA C 64 24.70 10.60 16.43
C ALA C 64 24.82 10.05 17.85
N ASP C 65 24.53 8.75 17.99
CA ASP C 65 24.62 8.05 19.26
C ASP C 65 25.14 6.66 18.96
N ALA C 66 26.27 6.29 19.53
CA ALA C 66 26.90 4.98 19.28
C ALA C 66 26.33 3.78 20.05
N GLU C 67 25.49 4.01 21.06
CA GLU C 67 24.95 2.93 21.89
C GLU C 67 23.46 2.58 21.78
N THR C 68 22.60 3.55 21.42
CA THR C 68 21.15 3.30 21.31
CA THR C 68 21.15 3.28 21.33
C THR C 68 20.76 2.29 20.23
N ASP C 69 19.84 1.38 20.56
CA ASP C 69 19.35 0.38 19.63
C ASP C 69 18.06 1.01 19.14
N PRO C 70 18.03 1.43 17.84
CA PRO C 70 16.83 2.12 17.30
C PRO C 70 15.56 1.26 17.22
N PHE C 71 14.42 1.93 17.40
CA PHE C 71 13.10 1.34 17.39
C PHE C 71 12.52 1.70 16.05
N TRP C 72 12.17 0.69 15.26
CA TRP C 72 11.61 0.89 13.95
C TRP C 72 10.83 -0.31 13.46
N ALA C 73 10.00 -0.06 12.44
CA ALA C 73 9.16 -1.09 11.84
C ALA C 73 8.76 -0.70 10.43
N ILE C 74 8.68 -1.68 9.54
CA ILE C 74 8.26 -1.47 8.15
C ILE C 74 6.76 -1.73 8.14
N SER C 75 5.99 -0.73 7.72
CA SER C 75 4.54 -0.81 7.62
C SER C 75 4.13 -1.32 6.25
N SER C 76 4.78 -0.88 5.19
CA SER C 76 4.44 -1.36 3.86
C SER C 76 5.59 -1.19 2.91
N VAL C 77 5.58 -2.02 1.87
CA VAL C 77 6.55 -2.03 0.79
C VAL C 77 5.75 -2.25 -0.48
N SER C 78 5.93 -1.39 -1.48
CA SER C 78 5.26 -1.47 -2.76
C SER C 78 6.31 -1.43 -3.86
N VAL C 79 6.14 -2.26 -4.88
CA VAL C 79 7.10 -2.35 -5.99
C VAL C 79 6.44 -2.43 -7.35
N GLN C 80 6.93 -1.65 -8.30
CA GLN C 80 6.46 -1.70 -9.69
C GLN C 80 7.71 -1.60 -10.51
N GLY C 81 8.13 -2.71 -11.11
CA GLY C 81 9.34 -2.73 -11.91
C GLY C 81 10.53 -2.27 -11.07
N ASP C 82 11.19 -1.22 -11.54
CA ASP C 82 12.39 -0.69 -10.86
C ASP C 82 12.13 0.47 -9.89
N ILE C 83 10.88 0.68 -9.48
CA ILE C 83 10.55 1.72 -8.49
C ILE C 83 9.82 1.09 -7.32
N ALA C 84 10.04 1.67 -6.16
CA ALA C 84 9.43 1.20 -4.94
C ALA C 84 9.14 2.31 -3.97
N MSE C 85 8.14 2.08 -3.12
CA MSE C 85 7.78 3.02 -2.05
CA MSE C 85 7.82 3.04 -2.06
C MSE C 85 7.67 2.23 -0.77
O MSE C 85 7.14 1.12 -0.78
CB MSE C 85 6.52 3.83 -2.35
CB MSE C 85 6.64 3.97 -2.42
CG MSE C 85 6.78 4.95 -3.32
CG MSE C 85 5.39 3.34 -2.91
SE MSE C 85 5.31 6.21 -3.25
SE MSE C 85 4.08 4.73 -3.36
CE MSE C 85 3.89 5.09 -3.91
CE MSE C 85 2.69 3.52 -3.90
N LEU C 86 8.23 2.78 0.32
CA LEU C 86 8.25 2.14 1.60
CA LEU C 86 8.24 2.15 1.62
C LEU C 86 7.69 3.05 2.67
N HIS C 87 6.94 2.48 3.61
CA HIS C 87 6.41 3.20 4.74
C HIS C 87 7.15 2.57 5.92
N VAL C 88 7.97 3.37 6.58
CA VAL C 88 8.76 2.96 7.74
C VAL C 88 8.41 3.82 8.96
N GLU C 89 8.22 3.16 10.09
CA GLU C 89 8.01 3.83 11.37
C GLU C 89 9.40 3.84 11.97
N ASN C 90 9.85 4.98 12.51
CA ASN C 90 11.18 5.05 13.09
C ASN C 90 11.26 6.10 14.18
N ASP C 91 11.98 5.80 15.27
CA ASP C 91 12.17 6.75 16.36
C ASP C 91 13.51 7.46 16.15
N TRP C 92 13.53 8.77 16.37
CA TRP C 92 14.76 9.55 16.22
C TRP C 92 14.66 10.76 17.12
N ALA C 93 15.69 11.00 17.92
CA ALA C 93 15.77 12.13 18.85
C ALA C 93 14.54 12.29 19.75
N GLY C 94 14.04 11.17 20.28
CA GLY C 94 12.89 11.15 21.18
C GLY C 94 11.50 11.34 20.57
N MSE C 95 11.41 11.29 19.23
CA MSE C 95 10.17 11.46 18.49
C MSE C 95 9.93 10.28 17.58
O MSE C 95 10.88 9.65 17.13
CB MSE C 95 10.30 12.73 17.65
CG MSE C 95 10.48 14.03 18.48
SE MSE C 95 10.84 15.56 17.34
CE MSE C 95 12.66 15.14 16.74
N ARG C 96 8.66 10.00 17.30
CA ARG C 96 8.27 8.90 16.43
C ARG C 96 7.85 9.48 15.10
N PHE C 97 8.44 8.94 14.04
CA PHE C 97 8.20 9.38 12.69
C PHE C 97 7.60 8.32 11.79
N ASP C 98 6.87 8.79 10.78
CA ASP C 98 6.39 7.96 9.68
C ASP C 98 7.18 8.50 8.53
N ASP C 99 7.98 7.64 7.89
CA ASP C 99 8.81 7.96 6.74
C ASP C 99 8.23 7.29 5.53
N PHE C 100 8.03 8.06 4.46
CA PHE C 100 7.58 7.54 3.18
C PHE C 100 8.79 7.73 2.28
N LEU C 101 9.41 6.61 1.88
CA LEU C 101 10.61 6.62 1.05
CA LEU C 101 10.60 6.62 1.03
C LEU C 101 10.27 6.16 -0.36
N THR C 102 10.83 6.84 -1.37
CA THR C 102 10.65 6.43 -2.78
CA THR C 102 10.64 6.42 -2.77
C THR C 102 12.06 5.98 -3.15
N VAL C 103 12.15 4.81 -3.78
CA VAL C 103 13.40 4.16 -4.14
C VAL C 103 13.42 3.74 -5.59
N LEU C 104 14.62 3.76 -6.17
CA LEU C 104 14.84 3.38 -7.56
C LEU C 104 15.95 2.34 -7.68
N LEU C 105 15.71 1.28 -8.46
CA LEU C 105 16.70 0.23 -8.72
C LEU C 105 17.50 0.76 -9.88
N HIS C 106 18.75 1.17 -9.62
CA HIS C 106 19.61 1.74 -10.63
C HIS C 106 20.93 1.00 -10.62
N GLU C 107 21.31 0.47 -11.77
CA GLU C 107 22.56 -0.26 -11.94
C GLU C 107 22.77 -1.35 -10.87
N GLY C 108 21.71 -2.13 -10.66
CA GLY C 108 21.76 -3.26 -9.72
C GLY C 108 21.51 -3.05 -8.25
N SER C 109 21.35 -1.80 -7.80
CA SER C 109 21.07 -1.55 -6.38
CA SER C 109 21.11 -1.48 -6.39
C SER C 109 19.92 -0.55 -6.21
N TRP C 110 19.17 -0.76 -5.13
CA TRP C 110 18.04 0.08 -4.78
C TRP C 110 18.59 1.25 -3.99
N ARG C 111 18.31 2.49 -4.44
CA ARG C 111 18.76 3.68 -3.74
C ARG C 111 17.64 4.65 -3.59
N ILE C 112 17.65 5.37 -2.47
CA ILE C 112 16.58 6.29 -2.12
C ILE C 112 16.62 7.61 -2.88
N VAL C 113 15.49 7.93 -3.49
CA VAL C 113 15.26 9.15 -4.28
C VAL C 113 14.69 10.26 -3.39
N SER C 114 13.80 9.91 -2.48
CA SER C 114 13.22 10.89 -1.59
C SER C 114 12.74 10.25 -0.31
N LYS C 115 12.73 11.04 0.76
CA LYS C 115 12.25 10.64 2.08
C LYS C 115 11.35 11.75 2.55
N VAL C 116 10.05 11.49 2.70
CA VAL C 116 9.10 12.48 3.18
CA VAL C 116 9.14 12.52 3.23
C VAL C 116 8.63 11.96 4.55
N TYR C 117 8.52 12.81 5.55
CA TYR C 117 8.12 12.32 6.87
C TYR C 117 7.16 13.21 7.60
N ARG C 118 6.57 12.64 8.66
CA ARG C 118 5.74 13.40 9.57
C ARG C 118 6.06 12.86 10.97
N ILE C 119 5.99 13.75 11.94
CA ILE C 119 6.24 13.45 13.32
C ILE C 119 4.90 13.26 14.00
N ARG C 120 4.74 12.14 14.68
CA ARG C 120 3.50 11.86 15.41
C ARG C 120 3.39 12.69 16.66
N MSE D 2 -9.67 18.98 8.09
CA MSE D 2 -10.01 17.84 7.13
CA MSE D 2 -10.23 17.87 7.25
C MSE D 2 -9.94 16.41 7.72
O MSE D 2 -8.96 16.11 8.41
CB MSE D 2 -9.38 17.92 5.65
CB MSE D 2 -9.78 18.10 5.81
CG MSE D 2 -9.98 18.86 4.55
CG MSE D 2 -10.44 19.34 5.24
SE MSE D 2 -9.15 18.64 2.66
SE MSE D 2 -9.54 19.92 3.69
CE MSE D 2 -7.34 19.32 2.98
CE MSE D 2 -9.75 18.36 2.54
N THR D 3 -10.91 15.54 7.40
CA THR D 3 -10.85 14.13 7.81
C THR D 3 -9.98 13.43 6.78
N THR D 4 -9.58 12.18 7.04
CA THR D 4 -8.75 11.44 6.06
C THR D 4 -9.53 11.25 4.74
N SER D 5 -10.85 11.08 4.84
CA SER D 5 -11.72 10.94 3.67
C SER D 5 -11.68 12.18 2.77
N GLU D 6 -11.76 13.34 3.41
CA GLU D 6 -11.70 14.62 2.70
C GLU D 6 -10.32 14.80 2.09
N HIS D 7 -9.27 14.37 2.81
CA HIS D 7 -7.92 14.44 2.27
C HIS D 7 -7.79 13.50 1.08
N ILE D 8 -8.37 12.30 1.19
CA ILE D 8 -8.32 11.34 0.07
C ILE D 8 -9.06 11.93 -1.16
N ALA D 9 -10.18 12.62 -0.94
CA ALA D 9 -10.91 13.30 -2.05
C ALA D 9 -10.01 14.40 -2.66
N ALA D 10 -9.29 15.14 -1.82
CA ALA D 10 -8.38 16.19 -2.27
C ALA D 10 -7.22 15.62 -3.09
N LEU D 11 -6.71 14.46 -2.65
CA LEU D 11 -5.63 13.76 -3.33
C LEU D 11 -6.13 13.18 -4.67
N THR D 12 -7.39 12.72 -4.70
CA THR D 12 -8.02 12.18 -5.91
C THR D 12 -8.13 13.33 -6.94
N ALA D 13 -8.57 14.50 -6.47
CA ALA D 13 -8.68 15.70 -7.30
C ALA D 13 -7.31 16.12 -7.84
N LEU D 14 -6.28 16.01 -6.99
CA LEU D 14 -4.92 16.38 -7.39
CA LEU D 14 -4.91 16.34 -7.35
C LEU D 14 -4.45 15.48 -8.54
N VAL D 15 -4.75 14.18 -8.48
CA VAL D 15 -4.37 13.24 -9.56
C VAL D 15 -5.09 13.62 -10.87
N GLU D 16 -6.37 13.92 -10.79
CA GLU D 16 -7.11 14.32 -11.99
C GLU D 16 -6.49 15.61 -12.59
N THR D 17 -6.16 16.57 -11.73
CA THR D 17 -5.53 17.82 -12.18
C THR D 17 -4.20 17.55 -12.88
N TYR D 18 -3.37 16.75 -12.22
CA TYR D 18 -2.06 16.30 -12.70
C TYR D 18 -2.08 15.65 -14.08
N VAL D 19 -2.88 14.60 -14.24
CA VAL D 19 -2.96 13.87 -15.53
CA VAL D 19 -2.97 13.88 -15.52
C VAL D 19 -3.47 14.78 -16.66
N MSE D 20 -4.49 15.59 -16.39
CA MSE D 20 -5.04 16.49 -17.41
CA MSE D 20 -5.03 16.50 -17.41
C MSE D 20 -4.02 17.59 -17.75
O MSE D 20 -3.82 17.90 -18.94
CB MSE D 20 -6.36 17.09 -16.95
CB MSE D 20 -6.34 17.15 -16.94
CG MSE D 20 -7.03 18.05 -17.94
CG MSE D 20 -7.49 16.19 -16.72
SE MSE D 20 -7.47 17.26 -19.65
SE MSE D 20 -7.96 15.13 -18.25
CE MSE D 20 -8.85 16.01 -19.10
CE MSE D 20 -8.46 16.57 -19.46
N ALA D 21 -3.40 18.16 -16.72
CA ALA D 21 -2.40 19.23 -16.92
C ALA D 21 -1.19 18.70 -17.71
N MSE D 22 -0.76 17.47 -17.45
CA MSE D 22 0.33 16.89 -18.25
C MSE D 22 -0.07 16.79 -19.71
O MSE D 22 0.63 17.26 -20.61
CB MSE D 22 0.73 15.50 -17.77
CG MSE D 22 1.61 15.49 -16.58
SE MSE D 22 2.12 13.69 -16.10
CE MSE D 22 2.57 12.98 -17.78
N THR D 23 -1.23 16.17 -19.95
CA THR D 23 -1.74 15.98 -21.30
C THR D 23 -1.87 17.29 -22.08
N ARG D 24 -2.45 18.31 -21.44
CA ARG D 24 -2.68 19.62 -22.03
C ARG D 24 -1.46 20.57 -22.03
N GLY D 25 -0.40 20.23 -21.31
CA GLY D 25 0.78 21.09 -21.19
C GLY D 25 0.42 22.38 -20.44
N ASP D 26 -0.38 22.22 -19.37
CA ASP D 26 -0.87 23.34 -18.54
C ASP D 26 0.19 23.63 -17.48
N ARG D 27 1.09 24.57 -17.78
CA ARG D 27 2.18 24.91 -16.84
C ARG D 27 1.68 25.44 -15.50
N PRO D 28 0.79 26.45 -15.48
CA PRO D 28 0.29 26.95 -14.18
C PRO D 28 -0.32 25.87 -13.29
N ALA D 29 -1.14 25.01 -13.86
CA ALA D 29 -1.75 23.93 -13.11
C ALA D 29 -0.69 23.02 -12.48
N LEU D 30 0.34 22.66 -13.23
CA LEU D 30 1.42 21.81 -12.71
C LEU D 30 2.25 22.52 -11.64
N GLU D 31 2.49 23.82 -11.82
CA GLU D 31 3.24 24.59 -10.83
C GLU D 31 2.44 24.76 -9.55
N ARG D 32 1.11 24.71 -9.59
CA ARG D 32 0.30 24.78 -8.37
C ARG D 32 0.29 23.47 -7.57
N ILE D 33 0.54 22.33 -8.22
CA ILE D 33 0.50 21.03 -7.54
C ILE D 33 1.86 20.37 -7.26
N PHE D 34 2.95 20.89 -7.80
CA PHE D 34 4.30 20.39 -7.57
C PHE D 34 5.10 21.44 -6.87
N PHE D 35 5.87 21.06 -5.86
CA PHE D 35 6.79 21.99 -5.23
C PHE D 35 7.86 22.40 -6.24
N GLY D 36 8.33 23.63 -6.15
CA GLY D 36 9.40 24.11 -7.02
C GLY D 36 10.70 23.32 -6.92
N LYS D 37 10.95 22.67 -5.77
CA LYS D 37 12.14 21.84 -5.55
C LYS D 37 11.93 20.37 -5.87
N ALA D 38 10.71 19.98 -6.26
CA ALA D 38 10.40 18.59 -6.57
C ALA D 38 11.07 18.11 -7.84
N SER D 39 11.31 16.80 -7.92
CA SER D 39 11.92 16.21 -9.11
CA SER D 39 11.93 16.19 -9.09
C SER D 39 11.08 15.04 -9.62
N GLU D 40 11.22 14.75 -10.91
CA GLU D 40 10.57 13.65 -11.62
C GLU D 40 11.76 12.78 -11.99
N VAL D 41 11.81 11.56 -11.46
CA VAL D 41 12.95 10.68 -11.67
C VAL D 41 12.55 9.30 -12.22
N GLY D 42 13.24 8.83 -13.24
CA GLY D 42 12.95 7.49 -13.78
C GLY D 42 13.84 7.14 -14.94
N HIS D 43 13.79 5.88 -15.38
CA HIS D 43 14.59 5.44 -16.52
C HIS D 43 13.77 5.65 -17.79
N TYR D 44 14.41 6.19 -18.81
CA TYR D 44 13.75 6.49 -20.07
C TYR D 44 14.78 6.32 -21.14
N GLU D 45 14.51 5.38 -22.04
CA GLU D 45 15.39 5.02 -23.15
C GLU D 45 16.76 4.58 -22.62
N GLY D 46 16.77 3.77 -21.55
CA GLY D 46 18.00 3.30 -20.90
C GLY D 46 18.70 4.28 -19.94
N GLU D 47 18.43 5.59 -20.08
CA GLU D 47 19.04 6.64 -19.27
C GLU D 47 18.26 6.98 -18.01
N LEU D 48 18.98 7.34 -16.94
CA LEU D 48 18.34 7.81 -15.72
C LEU D 48 18.10 9.31 -15.93
N LEU D 49 16.82 9.69 -15.94
CA LEU D 49 16.42 11.07 -16.08
CA LEU D 49 16.42 11.09 -16.08
C LEU D 49 16.10 11.61 -14.69
N TRP D 50 16.57 12.82 -14.39
CA TRP D 50 16.35 13.43 -13.11
C TRP D 50 15.94 14.84 -13.48
N ASN D 51 14.63 15.04 -13.63
CA ASN D 51 14.09 16.30 -14.07
C ASN D 51 13.62 17.23 -12.99
N SER D 52 13.92 18.52 -13.16
CA SER D 52 13.41 19.54 -12.25
C SER D 52 11.93 19.71 -12.59
N ARG D 53 11.20 20.45 -11.78
CA ARG D 53 9.80 20.74 -12.08
C ARG D 53 9.72 21.47 -13.42
N ASP D 54 10.59 22.45 -13.61
CA ASP D 54 10.62 23.23 -14.85
C ASP D 54 10.84 22.35 -16.10
N ALA D 55 11.78 21.41 -16.00
CA ALA D 55 12.12 20.47 -17.09
C ALA D 55 10.96 19.54 -17.38
N PHE D 56 10.39 18.97 -16.32
CA PHE D 56 9.22 18.09 -16.41
C PHE D 56 8.07 18.79 -17.13
N ILE D 57 7.76 20.00 -16.69
CA ILE D 57 6.68 20.78 -17.30
C ILE D 57 6.99 21.08 -18.78
N ALA D 58 8.23 21.50 -19.06
CA ALA D 58 8.68 21.78 -20.44
C ALA D 58 8.44 20.58 -21.38
N MSE D 59 8.69 19.38 -20.89
CA MSE D 59 8.45 18.15 -21.67
C MSE D 59 6.95 17.96 -21.92
O MSE D 59 6.56 17.55 -23.02
CB MSE D 59 9.05 16.94 -20.98
CG MSE D 59 10.56 17.05 -20.87
SE MSE D 59 11.35 15.53 -19.95
CE MSE D 59 10.09 15.20 -18.54
N CYS D 60 6.12 18.27 -20.92
CA CYS D 60 4.66 18.19 -21.09
C CYS D 60 4.18 19.20 -22.14
N GLU D 61 4.75 20.42 -22.09
CA GLU D 61 4.39 21.47 -23.03
C GLU D 61 4.75 21.08 -24.47
N ASP D 62 5.92 20.47 -24.65
CA ASP D 62 6.39 20.02 -25.97
C ASP D 62 5.52 18.92 -26.58
N ALA D 63 5.05 18.01 -25.73
CA ALA D 63 4.19 16.90 -26.14
C ALA D 63 2.68 17.17 -25.97
N ALA D 64 2.29 18.40 -25.63
CA ALA D 64 0.89 18.78 -25.37
C ALA D 64 -0.11 18.43 -26.47
N ASP D 65 -1.31 18.03 -26.07
CA ASP D 65 -2.39 17.67 -26.97
C ASP D 65 -3.66 18.23 -26.35
N ALA D 66 -4.35 19.09 -27.10
CA ALA D 66 -5.57 19.74 -26.61
C ALA D 66 -6.86 18.91 -26.73
N GLU D 67 -6.81 17.78 -27.45
CA GLU D 67 -7.99 16.94 -27.70
C GLU D 67 -8.06 15.56 -27.04
N THR D 68 -6.92 14.90 -26.85
CA THR D 68 -6.86 13.57 -26.24
CA THR D 68 -6.90 13.55 -26.26
C THR D 68 -7.36 13.51 -24.81
N ASP D 69 -8.16 12.49 -24.48
CA ASP D 69 -8.65 12.31 -23.11
C ASP D 69 -7.65 11.33 -22.50
N PRO D 70 -6.92 11.75 -21.45
CA PRO D 70 -5.96 10.79 -20.90
C PRO D 70 -6.63 9.61 -20.20
N PHE D 71 -5.92 8.48 -20.23
CA PHE D 71 -6.33 7.24 -19.65
C PHE D 71 -5.46 7.11 -18.40
N TRP D 72 -6.10 6.96 -17.24
CA TRP D 72 -5.40 6.87 -15.98
C TRP D 72 -6.23 6.19 -14.89
N ALA D 73 -5.57 5.84 -13.81
CA ALA D 73 -6.22 5.20 -12.67
C ALA D 73 -5.43 5.42 -11.42
N ILE D 74 -6.10 5.55 -10.26
CA ILE D 74 -5.46 5.66 -8.97
C ILE D 74 -5.43 4.25 -8.46
N SER D 75 -4.24 3.66 -8.41
CA SER D 75 -4.07 2.28 -7.96
C SER D 75 -3.94 2.18 -6.46
N SER D 76 -3.39 3.23 -5.82
CA SER D 76 -3.24 3.23 -4.38
CA SER D 76 -3.27 3.24 -4.37
C SER D 76 -3.04 4.64 -3.82
N VAL D 77 -3.55 4.88 -2.61
CA VAL D 77 -3.43 6.13 -1.90
CA VAL D 77 -3.38 6.14 -1.91
C VAL D 77 -3.17 5.77 -0.44
N SER D 78 -2.11 6.31 0.17
CA SER D 78 -1.77 6.07 1.57
C SER D 78 -1.57 7.44 2.19
N VAL D 79 -2.10 7.62 3.40
CA VAL D 79 -2.02 8.87 4.14
C VAL D 79 -1.62 8.65 5.60
N GLN D 80 -0.68 9.47 6.07
CA GLN D 80 -0.22 9.48 7.45
C GLN D 80 -0.08 10.95 7.79
N GLY D 81 -1.03 11.49 8.55
CA GLY D 81 -0.99 12.92 8.94
C GLY D 81 -0.98 13.82 7.72
N ASP D 82 0.07 14.63 7.60
CA ASP D 82 0.18 15.56 6.45
C ASP D 82 1.05 15.04 5.28
N ILE D 83 1.31 13.72 5.21
CA ILE D 83 2.06 13.16 4.10
C ILE D 83 1.22 12.05 3.46
N ALA D 84 1.44 11.85 2.16
CA ALA D 84 0.76 10.82 1.41
C ALA D 84 1.61 10.24 0.30
N MSE D 85 1.27 9.03 -0.11
N MSE D 85 1.21 9.03 -0.10
CA MSE D 85 1.91 8.38 -1.27
CA MSE D 85 1.79 8.25 -1.19
C MSE D 85 0.78 7.88 -2.17
C MSE D 85 0.68 7.96 -2.19
O MSE D 85 -0.22 7.33 -1.70
O MSE D 85 -0.46 7.69 -1.80
CB MSE D 85 2.96 7.31 -0.94
CB MSE D 85 2.35 6.90 -0.74
CG MSE D 85 4.34 7.91 -0.66
CG MSE D 85 3.53 6.96 0.15
SE MSE D 85 5.81 6.62 -0.66
SE MSE D 85 4.24 5.21 0.54
CE MSE D 85 5.15 5.58 0.79
CE MSE D 85 2.86 4.52 1.72
N LEU D 86 0.99 8.07 -3.47
CA LEU D 86 0.03 7.70 -4.48
CA LEU D 86 0.02 7.74 -4.48
C LEU D 86 0.67 6.87 -5.57
N HIS D 87 -0.07 5.90 -6.07
CA HIS D 87 0.35 5.06 -7.17
C HIS D 87 -0.70 5.37 -8.24
N VAL D 88 -0.22 5.98 -9.32
CA VAL D 88 -1.06 6.35 -10.42
C VAL D 88 -0.60 5.63 -11.68
N GLU D 89 -1.55 5.03 -12.39
CA GLU D 89 -1.29 4.39 -13.68
C GLU D 89 -1.70 5.46 -14.66
N ASN D 90 -0.83 5.77 -15.64
CA ASN D 90 -1.15 6.84 -16.59
C ASN D 90 -0.46 6.63 -17.94
N ASP D 91 -1.14 7.04 -19.01
CA ASP D 91 -0.62 6.99 -20.36
C ASP D 91 -0.13 8.39 -20.75
N TRP D 92 1.01 8.46 -21.40
CA TRP D 92 1.58 9.72 -21.84
C TRP D 92 2.51 9.40 -23.00
N ALA D 93 2.40 10.20 -24.07
CA ALA D 93 3.22 10.03 -25.28
C ALA D 93 3.26 8.59 -25.84
N GLY D 94 2.12 7.89 -25.77
CA GLY D 94 1.99 6.52 -26.26
C GLY D 94 2.58 5.39 -25.43
N MSE D 95 2.90 5.66 -24.16
CA MSE D 95 3.50 4.69 -23.24
C MSE D 95 2.69 4.65 -21.96
O MSE D 95 2.09 5.65 -21.61
CB MSE D 95 4.91 5.15 -22.92
CG MSE D 95 5.88 5.06 -24.11
SE MSE D 95 7.46 6.12 -23.73
CE MSE D 95 6.72 7.93 -23.80
N ARG D 96 2.67 3.49 -21.29
CA ARG D 96 1.95 3.32 -20.02
C ARG D 96 2.97 3.39 -18.90
N PHE D 97 2.67 4.22 -17.91
CA PHE D 97 3.52 4.45 -16.78
C PHE D 97 2.87 4.12 -15.46
N ASP D 98 3.73 3.85 -14.48
CA ASP D 98 3.37 3.70 -13.10
C ASP D 98 4.13 4.86 -12.48
N ASP D 99 3.40 5.79 -11.87
CA ASP D 99 3.95 6.94 -11.18
CA ASP D 99 3.96 6.94 -11.19
C ASP D 99 3.79 6.72 -9.68
N PHE D 100 4.87 6.86 -8.95
CA PHE D 100 4.86 6.78 -7.49
C PHE D 100 5.11 8.20 -7.02
N LEU D 101 4.07 8.82 -6.45
CA LEU D 101 4.16 10.20 -6.00
C LEU D 101 4.10 10.35 -4.50
N THR D 102 4.96 11.17 -3.93
CA THR D 102 4.95 11.48 -2.48
CA THR D 102 4.88 11.46 -2.46
C THR D 102 4.43 12.92 -2.40
N VAL D 103 3.48 13.18 -1.50
CA VAL D 103 2.84 14.45 -1.40
C VAL D 103 2.82 14.97 0.05
N LEU D 104 2.84 16.29 0.21
CA LEU D 104 2.81 16.90 1.52
C LEU D 104 1.70 17.96 1.58
N LEU D 105 0.92 17.95 2.66
CA LEU D 105 -0.11 18.97 2.88
C LEU D 105 0.62 20.15 3.49
N HIS D 106 0.73 21.26 2.75
CA HIS D 106 1.45 22.44 3.22
C HIS D 106 0.64 23.68 2.94
N GLU D 107 0.35 24.43 4.00
CA GLU D 107 -0.44 25.66 3.97
CA GLU D 107 -0.40 25.69 3.88
C GLU D 107 -1.76 25.49 3.19
N GLY D 108 -2.52 24.51 3.67
CA GLY D 108 -3.83 24.20 3.13
C GLY D 108 -4.02 23.30 1.93
N SER D 109 -2.97 23.03 1.15
CA SER D 109 -3.15 22.17 -0.03
C SER D 109 -2.02 21.15 -0.21
N TRP D 110 -2.39 20.05 -0.84
CA TRP D 110 -1.47 18.96 -1.13
C TRP D 110 -0.59 19.31 -2.33
N ARG D 111 0.72 19.19 -2.15
CA ARG D 111 1.70 19.43 -3.22
CA ARG D 111 1.73 19.44 -3.18
C ARG D 111 2.66 18.25 -3.31
N ILE D 112 2.99 17.89 -4.55
CA ILE D 112 3.88 16.78 -4.83
C ILE D 112 5.32 17.15 -4.51
N VAL D 113 5.96 16.32 -3.68
CA VAL D 113 7.36 16.48 -3.29
C VAL D 113 8.29 15.72 -4.22
N SER D 114 7.87 14.52 -4.62
CA SER D 114 8.66 13.64 -5.45
C SER D 114 7.80 12.81 -6.35
N LYS D 115 8.28 12.63 -7.57
CA LYS D 115 7.64 11.78 -8.54
C LYS D 115 8.69 10.83 -9.09
N VAL D 116 8.45 9.53 -8.98
CA VAL D 116 9.35 8.53 -9.59
CA VAL D 116 9.34 8.54 -9.54
C VAL D 116 8.43 7.71 -10.46
N TYR D 117 8.91 7.31 -11.63
CA TYR D 117 8.12 6.54 -12.56
C TYR D 117 8.85 5.39 -13.21
N ARG D 118 8.08 4.49 -13.82
CA ARG D 118 8.67 3.42 -14.61
C ARG D 118 7.72 3.22 -15.81
N ILE D 119 8.30 2.89 -16.94
CA ILE D 119 7.54 2.64 -18.15
C ILE D 119 7.34 1.14 -18.28
N ARG D 120 6.10 0.72 -18.49
CA ARG D 120 5.82 -0.70 -18.66
C ARG D 120 6.19 -1.16 -20.06
O1 UNL E . -12.70 -2.74 14.35
O2 UNL E . -12.09 -4.28 14.21
O3 UNL E . -13.22 -3.88 15.62
O4 UNL E . -13.31 -5.51 15.46
O1 UNL F . -13.02 -8.27 18.28
O2 UNL F . -14.01 -7.55 16.86
O3 UNL F . -16.51 -7.80 16.73
O4 UNL F . -16.70 -6.04 15.46
C ACT G . -28.54 -7.43 1.57
O ACT G . -28.52 -7.23 2.80
OXT ACT G . -29.55 -7.05 0.94
CH3 ACT G . -27.39 -8.10 0.88
C ACT H . -7.48 3.56 22.63
O ACT H . -6.97 4.68 22.40
OXT ACT H . -6.75 2.73 23.22
CH3 ACT H . -8.89 3.23 22.21
C1 EDO I . -21.43 -14.37 -0.74
O1 EDO I . -21.66 -14.61 0.66
C2 EDO I . -21.17 -15.65 -1.52
O2 EDO I . -22.16 -16.66 -1.38
C1 EDO J . -23.57 -17.53 4.20
O1 EDO J . -23.65 -18.58 3.23
C2 EDO J . -24.42 -17.93 5.36
O2 EDO J . -25.74 -17.39 5.15
C1 EDO K . -23.54 -14.35 7.92
O1 EDO K . -23.30 -15.46 8.75
C2 EDO K . -24.49 -14.40 6.73
O2 EDO K . -25.90 -14.24 7.05
C1 EDO L . -27.13 -5.06 -2.01
O1 EDO L . -26.41 -5.46 -3.17
C2 EDO L . -26.17 -4.97 -0.84
O2 EDO L . -25.40 -3.77 -1.00
O1 UNL M . -4.75 -16.77 -9.17
O2 UNL M . -6.48 -17.67 -9.11
O3 UNL M . -5.82 -16.02 -8.31
O1 UNL N . -6.83 -21.04 -6.81
O2 UNL N . -7.17 -21.64 -8.36
O3 UNL N . -9.21 -21.45 -8.56
O1 UNL O . -11.53 -19.50 -9.68
O2 UNL O . -10.37 -18.47 -10.71
O3 UNL O . -9.26 -18.82 -9.70
C ACT P . -1.92 -25.73 10.46
O ACT P . -3.07 -26.14 10.77
OXT ACT P . -1.46 -24.78 11.14
CH3 ACT P . -1.16 -26.39 9.34
C1 EDO Q . 0.85 -23.49 8.76
O1 EDO Q . 0.33 -22.95 9.99
C2 EDO Q . 1.02 -22.40 7.71
O2 EDO Q . 1.64 -21.27 8.30
C1 EDO R . -10.18 -22.10 11.93
O1 EDO R . -8.84 -22.62 12.10
C2 EDO R . -10.29 -21.34 10.60
O2 EDO R . -10.39 -22.22 9.49
O1 UNL S . 12.67 10.95 9.91
O2 UNL S . 13.99 11.13 10.82
O3 UNL S . 13.04 9.54 11.21
O4 UNL S . 13.60 8.29 10.31
O1 UNL T . 15.10 16.72 10.08
O2 UNL T . 13.70 16.04 11.22
O3 UNL T . 13.96 14.54 10.26
O4 UNL T . 16.28 13.38 10.45
O5 UNL T . 17.79 15.21 10.86
O1 UNL U . 10.83 11.94 -18.05
O2 UNL U . 9.48 10.83 -19.51
O3 UNL U . 7.84 11.16 -18.12
O4 UNL U . 6.21 12.86 -17.74
O5 UNL U . 8.22 13.97 -18.53
O6 UNL U . 6.95 14.40 -19.32
O1 UNL V . 5.22 10.54 -17.36
O2 UNL V . 5.02 9.65 -15.75
O3 UNL V . 3.75 9.69 -17.09
O4 UNL V . 2.48 10.19 -16.12
C1 EDO W . 18.95 17.51 -11.94
O1 EDO W . 19.00 17.10 -13.32
C2 EDO W . 18.32 18.90 -11.86
O2 EDO W . 17.06 18.96 -12.49
#